data_4XHH
#
_entry.id   4XHH
#
_cell.length_a   72.091
_cell.length_b   77.860
_cell.length_c   85.078
_cell.angle_alpha   90.00
_cell.angle_beta   90.00
_cell.angle_gamma   90.00
#
_symmetry.space_group_name_H-M   'P 21 2 21'
#
loop_
_entity.id
_entity.type
_entity.pdbx_description
1 polymer 'Similar to uniprot|P29295 Saccharomyces cerevisiae YPL204w HRR25'
2 non-polymer 'PHOSPHATE ION'
3 water water
#
_entity_poly.entity_id   1
_entity_poly.type   'polypeptide(L)'
_entity_poly.pdbx_seq_one_letter_code
;MDLRVGRKFRIGRKIGSGSFGDIYHGTNLISGEEVAIRLESIRSRHPQLDYESRVYKYLSGGVGIPFIRWFGREGEYNAM
VIDLLGPSLEDLFNYCHRKFSFKTVIMLALQMICRVQYIHGRSFIHRDIKPDNFLMGVGRRGSTVHVIDFGLSKKYRDFN
THRHIPYRENKSLTGTARYASVNTHLGIEQSRRDDLESLGYMLIYFCKGSLPWQGLKATTKKQKYDRILEKKLCISVETL
CAGLPLEFSEYMNYCRNLKFDERPDYLYLARLFKDLSIKLEYHNDHLFDWTMLRYTKAMVEKQKDVLMLDTSSTANANKE
SGNNNNESNTTSNTKDSKNDSFNKVKLLAMKKFASHFHYCKNDDKHYPTPEEIKQQTVQNNNAAASLPPELLSAIDKGME
NLK
;
_entity_poly.pdbx_strand_id   A
#
loop_
_chem_comp.id
_chem_comp.type
_chem_comp.name
_chem_comp.formula
PO4 non-polymer 'PHOSPHATE ION' 'O4 P -3'
#
# COMPACT_ATOMS: atom_id res chain seq x y z
N ASP A 2 35.84 -1.45 11.56
CA ASP A 2 35.35 -0.46 10.62
C ASP A 2 33.85 -0.60 10.37
N LEU A 3 33.38 0.00 9.28
CA LEU A 3 31.95 -0.04 8.95
C LEU A 3 31.69 -0.79 7.64
N ARG A 4 32.22 -2.02 7.56
CA ARG A 4 31.99 -2.87 6.40
C ARG A 4 31.08 -4.05 6.74
N VAL A 5 30.24 -4.42 5.77
CA VAL A 5 29.28 -5.50 5.96
C VAL A 5 29.33 -6.45 4.77
N GLY A 6 29.48 -7.75 5.04
CA GLY A 6 29.49 -8.75 3.99
C GLY A 6 30.52 -8.48 2.91
N ARG A 7 31.75 -8.29 3.34
CA ARG A 7 32.92 -8.08 2.46
C ARG A 7 32.93 -6.76 1.68
N LYS A 8 31.92 -6.54 0.84
CA LYS A 8 32.00 -5.49 -0.17
C LYS A 8 31.07 -4.30 0.05
N PHE A 9 30.42 -4.26 1.20
CA PHE A 9 29.44 -3.19 1.45
C PHE A 9 29.86 -2.24 2.56
N ARG A 10 29.44 -0.99 2.44
CA ARG A 10 29.83 0.05 3.38
C ARG A 10 28.62 0.80 3.90
N ILE A 11 28.50 0.89 5.22
CA ILE A 11 27.41 1.62 5.86
C ILE A 11 27.59 3.14 5.69
N GLY A 12 26.49 3.83 5.41
CA GLY A 12 26.50 5.27 5.33
C GLY A 12 25.59 5.86 6.38
N ARG A 13 25.00 7.01 6.07
CA ARG A 13 24.08 7.67 7.00
C ARG A 13 22.84 6.83 7.26
N LYS A 14 22.12 7.20 8.31
CA LYS A 14 20.90 6.53 8.72
C LYS A 14 19.71 6.98 7.87
N ILE A 15 18.66 6.15 7.86
CA ILE A 15 17.48 6.42 7.02
C ILE A 15 16.18 6.80 7.77
N GLY A 16 15.75 6.08 8.81
CA GLY A 16 16.41 4.92 9.40
C GLY A 16 15.70 4.50 10.67
N ASP A 22 16.53 -0.15 12.73
CA ASP A 22 17.86 0.38 12.45
C ASP A 22 18.36 0.08 11.04
N ILE A 23 17.94 0.89 10.07
CA ILE A 23 18.32 0.71 8.68
C ILE A 23 19.21 1.86 8.16
N TYR A 24 20.30 1.54 7.48
CA TYR A 24 21.25 2.56 7.04
C TYR A 24 21.45 2.57 5.52
N HIS A 25 21.89 3.69 4.99
CA HIS A 25 22.36 3.76 3.61
C HIS A 25 23.60 2.91 3.48
N GLY A 26 23.66 2.09 2.45
CA GLY A 26 24.82 1.25 2.22
C GLY A 26 25.34 1.45 0.82
N THR A 27 26.61 1.13 0.58
CA THR A 27 27.17 1.24 -0.76
C THR A 27 28.09 0.09 -1.10
N ASN A 28 27.82 -0.58 -2.22
CA ASN A 28 28.71 -1.61 -2.74
C ASN A 28 30.03 -0.97 -3.14
N LEU A 29 31.11 -1.39 -2.49
CA LEU A 29 32.41 -0.73 -2.66
C LEU A 29 33.04 -1.04 -4.01
N ILE A 30 32.59 -2.11 -4.65
CA ILE A 30 33.18 -2.54 -5.92
C ILE A 30 32.47 -1.90 -7.12
N SER A 31 31.16 -1.80 -7.05
CA SER A 31 30.37 -1.28 -8.17
C SER A 31 29.79 0.11 -7.90
N GLY A 32 29.79 0.53 -6.65
CA GLY A 32 29.29 1.85 -6.30
C GLY A 32 27.77 1.95 -6.22
N GLU A 33 27.10 0.81 -6.28
CA GLU A 33 25.65 0.79 -6.22
C GLU A 33 25.12 1.10 -4.82
N GLU A 34 24.13 1.99 -4.75
CA GLU A 34 23.44 2.28 -3.49
C GLU A 34 22.56 1.12 -3.06
N VAL A 35 22.71 0.70 -1.81
CA VAL A 35 21.83 -0.31 -1.24
C VAL A 35 21.31 0.13 0.13
N ALA A 36 20.48 -0.71 0.73
CA ALA A 36 20.01 -0.49 2.08
C ALA A 36 20.58 -1.56 3.00
N ILE A 37 20.86 -1.18 4.24
CA ILE A 37 21.42 -2.11 5.23
C ILE A 37 20.65 -2.02 6.56
N ARG A 38 20.06 -3.12 7.00
CA ARG A 38 19.39 -3.17 8.29
C ARG A 38 20.30 -3.84 9.31
N LEU A 39 20.34 -3.28 10.52
CA LEU A 39 21.16 -3.84 11.60
C LEU A 39 20.31 -4.22 12.81
N GLU A 40 20.76 -5.25 13.51
CA GLU A 40 20.07 -5.72 14.70
C GLU A 40 21.10 -6.22 15.72
N SER A 41 21.08 -5.63 16.91
CA SER A 41 21.97 -6.07 17.98
C SER A 41 21.75 -7.55 18.29
N ILE A 42 22.83 -8.30 18.37
CA ILE A 42 22.76 -9.74 18.58
C ILE A 42 22.26 -10.08 19.97
N ARG A 43 22.11 -9.06 20.82
CA ARG A 43 21.67 -9.29 22.19
C ARG A 43 20.23 -8.83 22.38
N SER A 44 19.48 -8.76 21.28
CA SER A 44 18.08 -8.40 21.38
C SER A 44 17.34 -9.46 22.18
N ARG A 45 16.34 -9.01 22.94
CA ARG A 45 15.46 -9.88 23.69
C ARG A 45 14.67 -10.80 22.74
N HIS A 46 14.25 -10.24 21.61
CA HIS A 46 13.56 -10.99 20.56
C HIS A 46 14.13 -10.59 19.20
N PRO A 47 14.83 -11.52 18.53
CA PRO A 47 15.42 -11.26 17.21
C PRO A 47 14.43 -11.47 16.05
N GLN A 48 14.48 -10.57 15.07
CA GLN A 48 13.56 -10.64 13.93
C GLN A 48 14.31 -10.71 12.61
N LEU A 49 15.51 -10.13 12.59
CA LEU A 49 16.21 -9.85 11.34
C LEU A 49 16.59 -11.09 10.53
N ASP A 50 17.08 -12.12 11.20
CA ASP A 50 17.53 -13.33 10.52
C ASP A 50 16.37 -14.02 9.79
N TYR A 51 15.26 -14.16 10.50
CA TYR A 51 14.03 -14.72 9.95
C TYR A 51 13.55 -13.92 8.74
N GLU A 52 13.48 -12.60 8.91
CA GLU A 52 13.02 -11.72 7.84
C GLU A 52 13.94 -11.88 6.62
N SER A 53 15.23 -12.02 6.89
CA SER A 53 16.19 -12.20 5.82
C SER A 53 16.01 -13.53 5.10
N ARG A 54 15.61 -14.56 5.82
CA ARG A 54 15.49 -15.90 5.23
C ARG A 54 14.22 -16.04 4.41
N VAL A 55 13.16 -15.38 4.86
CA VAL A 55 11.92 -15.26 4.10
C VAL A 55 12.16 -14.44 2.83
N TYR A 56 12.85 -13.30 2.96
CA TYR A 56 13.21 -12.47 1.81
C TYR A 56 13.92 -13.30 0.75
N LYS A 57 14.81 -14.16 1.21
CA LYS A 57 15.55 -15.07 0.35
C LYS A 57 14.61 -16.09 -0.28
N TYR A 58 13.66 -16.60 0.50
CA TYR A 58 12.75 -17.61 0.00
C TYR A 58 11.82 -17.05 -1.09
N LEU A 59 11.52 -15.75 -1.00
CA LEU A 59 10.63 -15.10 -1.94
C LEU A 59 11.38 -14.42 -3.08
N SER A 60 12.70 -14.35 -2.97
CA SER A 60 13.57 -13.77 -3.97
C SER A 60 13.19 -14.21 -5.39
N GLY A 61 13.12 -13.26 -6.31
CA GLY A 61 12.79 -13.55 -7.70
C GLY A 61 11.38 -13.14 -8.09
N GLY A 62 10.54 -12.87 -7.10
CA GLY A 62 9.18 -12.43 -7.35
C GLY A 62 9.13 -10.96 -7.69
N VAL A 63 8.30 -10.59 -8.64
CA VAL A 63 8.13 -9.18 -9.00
C VAL A 63 7.71 -8.35 -7.80
N GLY A 64 8.46 -7.30 -7.51
CA GLY A 64 8.13 -6.43 -6.41
C GLY A 64 8.70 -6.89 -5.09
N ILE A 65 9.36 -8.05 -5.09
CA ILE A 65 10.03 -8.53 -3.89
C ILE A 65 11.48 -8.07 -3.87
N PRO A 66 11.83 -7.21 -2.91
CA PRO A 66 13.17 -6.64 -2.80
C PRO A 66 14.26 -7.71 -2.82
N PHE A 67 15.33 -7.44 -3.55
CA PHE A 67 16.40 -8.41 -3.69
C PHE A 67 17.41 -8.28 -2.56
N ILE A 68 17.53 -9.35 -1.77
CA ILE A 68 18.48 -9.40 -0.66
C ILE A 68 19.89 -9.78 -1.19
N ARG A 69 20.82 -8.83 -1.05
CA ARG A 69 22.16 -9.00 -1.60
C ARG A 69 23.05 -9.80 -0.66
N TRP A 70 22.81 -9.66 0.65
CA TRP A 70 23.62 -10.34 1.66
C TRP A 70 22.92 -10.36 3.02
N PHE A 71 23.14 -11.42 3.78
CA PHE A 71 22.73 -11.43 5.18
C PHE A 71 23.56 -12.41 5.99
N GLY A 72 23.84 -12.04 7.24
CA GLY A 72 24.65 -12.86 8.12
C GLY A 72 25.05 -12.09 9.35
N ARG A 73 25.89 -12.71 10.17
CA ARG A 73 26.35 -12.06 11.38
C ARG A 73 27.64 -11.30 11.13
N GLU A 74 27.65 -10.02 11.49
CA GLU A 74 28.80 -9.17 11.32
C GLU A 74 29.05 -8.41 12.63
N GLY A 75 30.26 -8.55 13.18
CA GLY A 75 30.59 -7.96 14.46
C GLY A 75 29.64 -8.48 15.52
N GLU A 76 29.00 -7.56 16.23
CA GLU A 76 27.99 -7.97 17.21
C GLU A 76 26.60 -7.59 16.71
N TYR A 77 26.40 -7.76 15.41
CA TYR A 77 25.13 -7.43 14.77
C TYR A 77 24.71 -8.51 13.77
N ASN A 78 23.41 -8.62 13.57
CA ASN A 78 22.90 -9.30 12.39
C ASN A 78 22.74 -8.23 11.32
N ALA A 79 23.14 -8.53 10.09
CA ALA A 79 23.01 -7.55 9.02
C ALA A 79 22.20 -8.10 7.85
N MET A 80 21.56 -7.19 7.12
CA MET A 80 20.76 -7.53 5.95
C MET A 80 21.03 -6.47 4.89
N VAL A 81 21.58 -6.89 3.76
CA VAL A 81 21.78 -5.96 2.66
C VAL A 81 20.74 -6.25 1.57
N ILE A 82 20.04 -5.21 1.13
CA ILE A 82 18.89 -5.39 0.26
C ILE A 82 18.72 -4.17 -0.66
N ASP A 83 17.85 -4.30 -1.66
CA ASP A 83 17.55 -3.22 -2.60
C ASP A 83 17.14 -1.94 -1.88
N LEU A 84 17.65 -0.81 -2.34
CA LEU A 84 17.24 0.47 -1.77
C LEU A 84 15.91 0.91 -2.41
N LEU A 85 14.93 1.23 -1.57
CA LEU A 85 13.58 1.53 -2.04
C LEU A 85 13.16 2.99 -1.80
N GLY A 86 12.01 3.35 -2.35
CA GLY A 86 11.48 4.70 -2.21
C GLY A 86 10.53 4.86 -1.05
N PRO A 87 9.65 5.87 -1.13
CA PRO A 87 8.67 6.16 -0.08
C PRO A 87 7.55 5.13 -0.02
N SER A 88 6.86 5.05 1.12
CA SER A 88 5.75 4.12 1.27
C SER A 88 4.48 4.70 0.71
N LEU A 89 3.46 3.85 0.57
CA LEU A 89 2.17 4.31 0.11
C LEU A 89 1.57 5.30 1.13
N GLU A 90 1.87 5.09 2.41
CA GLU A 90 1.45 6.05 3.43
C GLU A 90 2.11 7.41 3.22
N ASP A 91 3.39 7.38 2.87
CA ASP A 91 4.12 8.62 2.58
C ASP A 91 3.47 9.35 1.41
N LEU A 92 3.24 8.63 0.32
CA LEU A 92 2.66 9.23 -0.87
C LEU A 92 1.20 9.63 -0.64
N PHE A 93 0.53 8.90 0.24
CA PHE A 93 -0.82 9.25 0.64
C PHE A 93 -0.82 10.64 1.27
N ASN A 94 0.14 10.86 2.16
CA ASN A 94 0.30 12.16 2.80
C ASN A 94 0.69 13.26 1.82
N TYR A 95 1.55 12.90 0.87
CA TYR A 95 2.01 13.88 -0.13
C TYR A 95 0.81 14.39 -0.95
N CYS A 96 -0.11 13.47 -1.26
CA CYS A 96 -1.32 13.82 -1.97
C CYS A 96 -2.42 14.26 -1.02
N HIS A 97 -2.03 14.72 0.16
CA HIS A 97 -2.97 15.22 1.16
C HIS A 97 -4.07 14.22 1.48
N ARG A 98 -3.66 12.98 1.68
CA ARG A 98 -4.50 11.91 2.23
C ARG A 98 -5.79 11.67 1.46
N LYS A 99 -5.67 11.61 0.13
CA LYS A 99 -6.76 11.14 -0.73
C LYS A 99 -6.24 10.83 -2.13
N PHE A 100 -6.47 9.59 -2.57
CA PHE A 100 -6.04 9.18 -3.91
C PHE A 100 -7.19 9.18 -4.92
N SER A 101 -6.86 9.47 -6.17
CA SER A 101 -7.83 9.39 -7.25
C SER A 101 -8.18 7.92 -7.50
N PHE A 102 -9.30 7.69 -8.19
CA PHE A 102 -9.72 6.35 -8.53
C PHE A 102 -8.67 5.64 -9.36
N LYS A 103 -8.15 6.34 -10.37
CA LYS A 103 -7.13 5.78 -11.25
C LYS A 103 -5.92 5.28 -10.46
N THR A 104 -5.48 6.06 -9.49
CA THR A 104 -4.33 5.69 -8.68
C THR A 104 -4.62 4.45 -7.82
N VAL A 105 -5.80 4.44 -7.20
CA VAL A 105 -6.20 3.29 -6.39
C VAL A 105 -6.36 2.03 -7.23
N ILE A 106 -6.91 2.16 -8.45
CA ILE A 106 -7.03 1.01 -9.35
C ILE A 106 -5.66 0.43 -9.71
N MET A 107 -4.77 1.30 -10.16
CA MET A 107 -3.41 0.89 -10.51
C MET A 107 -2.69 0.25 -9.32
N LEU A 108 -2.91 0.78 -8.12
CA LEU A 108 -2.28 0.23 -6.93
C LEU A 108 -2.89 -1.13 -6.57
N ALA A 109 -4.22 -1.21 -6.60
CA ALA A 109 -4.92 -2.45 -6.29
C ALA A 109 -4.48 -3.59 -7.23
N LEU A 110 -4.26 -3.25 -8.50
CA LEU A 110 -3.85 -4.26 -9.47
C LEU A 110 -2.48 -4.84 -9.12
N GLN A 111 -1.50 -3.99 -8.84
CA GLN A 111 -0.18 -4.48 -8.45
C GLN A 111 -0.25 -5.25 -7.12
N MET A 112 -0.87 -4.64 -6.13
CA MET A 112 -0.90 -5.21 -4.79
C MET A 112 -1.57 -6.59 -4.76
N ILE A 113 -2.52 -6.81 -5.67
CA ILE A 113 -3.17 -8.12 -5.79
C ILE A 113 -2.20 -9.14 -6.41
N CYS A 114 -1.33 -8.67 -7.29
CA CYS A 114 -0.31 -9.51 -7.90
C CYS A 114 0.74 -9.95 -6.88
N ARG A 115 1.21 -8.99 -6.08
CA ARG A 115 2.22 -9.23 -5.04
C ARG A 115 1.70 -10.27 -4.04
N VAL A 116 0.53 -10.00 -3.47
CA VAL A 116 -0.09 -10.88 -2.50
C VAL A 116 -0.25 -12.28 -3.10
N GLN A 117 -0.64 -12.35 -4.37
CA GLN A 117 -0.78 -13.62 -5.07
C GLN A 117 0.55 -14.37 -5.15
N TYR A 118 1.64 -13.64 -5.35
CA TYR A 118 2.96 -14.26 -5.40
C TYR A 118 3.37 -14.81 -4.04
N ILE A 119 3.15 -14.00 -3.00
CA ILE A 119 3.51 -14.36 -1.64
C ILE A 119 2.72 -15.59 -1.22
N HIS A 120 1.44 -15.62 -1.57
CA HIS A 120 0.62 -16.79 -1.30
C HIS A 120 1.10 -18.02 -2.08
N GLY A 121 1.51 -17.81 -3.33
CA GLY A 121 2.10 -18.87 -4.12
C GLY A 121 3.34 -19.49 -3.51
N ARG A 122 4.08 -18.71 -2.72
CA ARG A 122 5.24 -19.25 -2.01
C ARG A 122 4.85 -19.74 -0.61
N SER A 123 3.58 -20.09 -0.44
CA SER A 123 3.02 -20.67 0.80
C SER A 123 3.00 -19.74 2.01
N PHE A 124 3.17 -18.43 1.79
CA PHE A 124 3.22 -17.49 2.90
C PHE A 124 2.04 -16.54 2.92
N ILE A 125 1.66 -16.14 4.14
CA ILE A 125 0.75 -15.03 4.33
C ILE A 125 1.51 -13.88 5.00
N HIS A 126 1.26 -12.65 4.52
CA HIS A 126 2.01 -11.51 5.01
C HIS A 126 1.65 -11.19 6.47
N ARG A 127 0.35 -11.09 6.73
CA ARG A 127 -0.22 -10.86 8.06
C ARG A 127 -0.02 -9.45 8.61
N ASP A 128 0.52 -8.55 7.81
CA ASP A 128 0.64 -7.15 8.20
C ASP A 128 0.49 -6.25 6.98
N ILE A 129 -0.60 -6.48 6.24
CA ILE A 129 -0.92 -5.68 5.06
C ILE A 129 -1.38 -4.29 5.46
N LYS A 130 -0.68 -3.27 4.97
CA LYS A 130 -0.93 -1.88 5.34
C LYS A 130 -0.08 -0.96 4.47
N PRO A 131 -0.54 0.29 4.27
CA PRO A 131 0.13 1.25 3.38
C PRO A 131 1.61 1.45 3.67
N ASP A 132 2.03 1.26 4.92
CA ASP A 132 3.42 1.46 5.31
C ASP A 132 4.36 0.41 4.75
N ASN A 133 3.81 -0.75 4.43
CA ASN A 133 4.61 -1.89 4.00
C ASN A 133 4.71 -2.06 2.49
N PHE A 134 4.11 -1.13 1.76
CA PHE A 134 4.31 -1.08 0.32
C PHE A 134 5.09 0.17 -0.04
N LEU A 135 6.26 -0.01 -0.64
CA LEU A 135 7.08 1.12 -1.06
C LEU A 135 7.29 1.09 -2.56
N MET A 136 7.24 2.25 -3.20
CA MET A 136 7.64 2.35 -4.61
C MET A 136 9.17 2.23 -4.67
N GLY A 137 9.70 1.95 -5.84
CA GLY A 137 11.14 1.87 -6.02
C GLY A 137 11.79 3.24 -6.18
N VAL A 138 13.10 3.25 -6.39
CA VAL A 138 13.83 4.51 -6.55
C VAL A 138 14.01 4.85 -8.04
N GLY A 139 13.97 6.14 -8.37
CA GLY A 139 14.21 6.57 -9.73
C GLY A 139 13.28 5.99 -10.77
N ARG A 140 13.85 5.19 -11.67
CA ARG A 140 13.08 4.64 -12.79
C ARG A 140 12.18 3.50 -12.35
N ARG A 141 12.54 2.85 -11.25
CA ARG A 141 11.73 1.79 -10.67
C ARG A 141 10.58 2.33 -9.83
N GLY A 142 10.39 3.65 -9.85
CA GLY A 142 9.38 4.29 -9.04
C GLY A 142 7.96 4.00 -9.51
N SER A 143 7.82 3.12 -10.49
CA SER A 143 6.52 2.75 -11.03
C SER A 143 6.08 1.39 -10.50
N THR A 144 6.93 0.78 -9.68
CA THR A 144 6.69 -0.57 -9.21
C THR A 144 6.47 -0.64 -7.70
N VAL A 145 5.37 -1.26 -7.29
CA VAL A 145 5.02 -1.41 -5.89
C VAL A 145 5.76 -2.58 -5.25
N HIS A 146 6.45 -2.34 -4.15
CA HIS A 146 7.19 -3.40 -3.48
C HIS A 146 6.58 -3.75 -2.13
N VAL A 147 6.84 -4.97 -1.66
CA VAL A 147 6.31 -5.42 -0.37
C VAL A 147 7.44 -5.63 0.62
N ILE A 148 7.31 -5.03 1.81
CA ILE A 148 8.32 -5.18 2.86
C ILE A 148 7.73 -5.67 4.17
N ASP A 149 8.60 -5.80 5.17
CA ASP A 149 8.26 -6.18 6.55
C ASP A 149 7.57 -7.53 6.66
N PHE A 150 8.36 -8.57 6.51
CA PHE A 150 7.86 -9.94 6.63
C PHE A 150 8.17 -10.53 8.00
N GLY A 151 8.36 -9.68 9.00
CA GLY A 151 8.61 -10.13 10.36
C GLY A 151 7.45 -10.91 10.95
N LEU A 152 6.23 -10.58 10.54
CA LEU A 152 5.03 -11.25 11.04
C LEU A 152 4.50 -12.28 10.04
N SER A 153 5.21 -12.46 8.92
CA SER A 153 4.81 -13.41 7.90
C SER A 153 4.88 -14.84 8.43
N LYS A 154 4.25 -15.76 7.71
CA LYS A 154 4.00 -17.10 8.22
C LYS A 154 3.52 -18.05 7.12
N LYS A 155 3.95 -19.29 7.19
CA LYS A 155 3.45 -20.31 6.27
C LYS A 155 1.96 -20.54 6.49
N TYR A 156 1.21 -20.76 5.41
CA TYR A 156 -0.20 -21.12 5.57
C TYR A 156 -0.47 -22.55 5.08
N ARG A 157 0.55 -23.18 4.52
CA ARG A 157 0.44 -24.58 4.09
C ARG A 157 1.82 -25.25 4.02
N ASP A 158 1.83 -26.57 4.06
CA ASP A 158 3.06 -27.32 3.85
C ASP A 158 3.65 -27.05 2.45
N PHE A 159 4.97 -26.88 2.38
CA PHE A 159 5.63 -26.56 1.11
C PHE A 159 5.51 -27.67 0.08
N ASN A 160 5.48 -28.91 0.56
CA ASN A 160 5.51 -30.06 -0.32
C ASN A 160 4.13 -30.62 -0.61
N THR A 161 3.30 -30.71 0.43
CA THR A 161 1.96 -31.29 0.29
C THR A 161 0.88 -30.24 0.10
N HIS A 162 1.24 -28.96 0.22
CA HIS A 162 0.26 -27.86 0.15
C HIS A 162 -0.90 -28.03 1.13
N ARG A 163 -0.69 -28.80 2.18
CA ARG A 163 -1.70 -28.98 3.21
C ARG A 163 -1.81 -27.72 4.07
N HIS A 164 -2.99 -27.11 4.06
CA HIS A 164 -3.28 -25.89 4.83
C HIS A 164 -3.07 -26.11 6.33
N ILE A 165 -2.52 -25.11 7.02
CA ILE A 165 -2.44 -25.17 8.48
C ILE A 165 -3.85 -25.32 9.04
N PRO A 166 -3.97 -25.99 10.20
CA PRO A 166 -5.28 -26.28 10.77
C PRO A 166 -5.95 -25.05 11.40
N TYR A 167 -7.27 -25.12 11.51
CA TYR A 167 -8.08 -24.01 12.00
C TYR A 167 -7.93 -23.85 13.51
N ARG A 168 -7.61 -22.63 13.93
CA ARG A 168 -7.39 -22.33 15.35
C ARG A 168 -8.20 -21.12 15.78
N GLU A 169 -8.43 -21.00 17.08
CA GLU A 169 -9.03 -19.80 17.63
C GLU A 169 -8.20 -19.31 18.82
N ASN A 170 -8.71 -18.32 19.54
CA ASN A 170 -8.00 -17.73 20.69
C ASN A 170 -6.61 -17.20 20.33
N LYS A 171 -6.51 -16.50 19.21
CA LYS A 171 -5.25 -15.91 18.80
C LYS A 171 -5.26 -14.41 19.02
N SER A 172 -4.19 -13.90 19.62
CA SER A 172 -4.02 -12.47 19.79
C SER A 172 -3.89 -11.78 18.44
N LEU A 173 -4.27 -10.52 18.41
CA LEU A 173 -4.33 -9.78 17.15
C LEU A 173 -2.95 -9.43 16.63
N THR A 174 -2.66 -9.87 15.41
CA THR A 174 -1.45 -9.48 14.69
C THR A 174 -1.85 -9.03 13.29
N GLY A 175 -1.57 -7.78 12.94
CA GLY A 175 -0.82 -6.91 13.81
C GLY A 175 -1.39 -5.52 14.01
N THR A 176 -1.56 -4.77 12.91
CA THR A 176 -2.10 -3.41 12.99
C THR A 176 -3.63 -3.39 12.85
N ALA A 177 -4.27 -2.79 13.85
CA ALA A 177 -5.70 -2.98 14.07
C ALA A 177 -6.57 -2.29 13.01
N ARG A 178 -6.08 -1.20 12.45
CA ARG A 178 -6.85 -0.42 11.50
C ARG A 178 -7.19 -1.23 10.26
N TYR A 179 -6.27 -2.08 9.84
CA TYR A 179 -6.47 -2.81 8.59
C TYR A 179 -6.72 -4.29 8.82
N ALA A 180 -6.70 -4.71 10.08
CA ALA A 180 -6.97 -6.09 10.44
C ALA A 180 -8.34 -6.54 9.94
N SER A 181 -8.40 -7.78 9.45
CA SER A 181 -9.67 -8.37 9.03
C SER A 181 -10.58 -8.59 10.24
N VAL A 182 -11.86 -8.79 9.97
CA VAL A 182 -12.83 -9.08 11.02
C VAL A 182 -12.53 -10.44 11.68
N ASN A 183 -12.03 -11.39 10.91
CA ASN A 183 -11.67 -12.68 11.47
C ASN A 183 -10.49 -12.58 12.42
N THR A 184 -9.59 -11.66 12.11
CA THR A 184 -8.41 -11.46 12.95
C THR A 184 -8.85 -10.91 14.32
N HIS A 185 -9.85 -10.03 14.29
CA HIS A 185 -10.42 -9.45 15.50
C HIS A 185 -11.09 -10.48 16.40
N LEU A 186 -11.59 -11.54 15.77
CA LEU A 186 -12.28 -12.62 16.49
C LEU A 186 -11.33 -13.70 16.95
N GLY A 187 -10.03 -13.45 16.79
CA GLY A 187 -9.02 -14.40 17.26
C GLY A 187 -8.84 -15.65 16.39
N ILE A 188 -9.41 -15.63 15.19
CA ILE A 188 -9.25 -16.74 14.27
C ILE A 188 -7.83 -16.78 13.73
N GLU A 189 -7.33 -17.97 13.46
CA GLU A 189 -6.08 -18.14 12.74
C GLU A 189 -6.18 -17.42 11.42
N GLN A 190 -5.18 -16.62 11.10
CA GLN A 190 -5.19 -15.92 9.81
C GLN A 190 -4.87 -16.87 8.67
N SER A 191 -5.37 -16.52 7.49
CA SER A 191 -5.02 -17.24 6.28
C SER A 191 -5.08 -16.25 5.11
N ARG A 192 -5.09 -16.78 3.89
CA ARG A 192 -5.02 -15.98 2.67
C ARG A 192 -6.11 -14.90 2.55
N ARG A 193 -7.34 -15.24 2.94
CA ARG A 193 -8.46 -14.30 2.89
C ARG A 193 -8.19 -13.02 3.67
N ASP A 194 -7.46 -13.15 4.75
CA ASP A 194 -7.24 -12.02 5.66
C ASP A 194 -6.26 -11.00 5.08
N ASP A 195 -5.28 -11.49 4.33
CA ASP A 195 -4.38 -10.61 3.61
C ASP A 195 -5.16 -9.80 2.60
N LEU A 196 -6.02 -10.50 1.87
CA LEU A 196 -6.82 -9.84 0.86
C LEU A 196 -7.78 -8.86 1.48
N GLU A 197 -8.34 -9.21 2.63
CA GLU A 197 -9.31 -8.34 3.28
C GLU A 197 -8.66 -7.02 3.70
N SER A 198 -7.47 -7.10 4.29
CA SER A 198 -6.76 -5.89 4.70
C SER A 198 -6.49 -5.00 3.50
N LEU A 199 -6.09 -5.63 2.39
CA LEU A 199 -5.82 -4.93 1.15
C LEU A 199 -7.06 -4.17 0.71
N GLY A 200 -8.23 -4.76 0.93
CA GLY A 200 -9.50 -4.11 0.63
C GLY A 200 -9.68 -2.87 1.49
N TYR A 201 -9.43 -3.01 2.78
CA TYR A 201 -9.49 -1.87 3.70
C TYR A 201 -8.50 -0.78 3.27
N MET A 202 -7.32 -1.18 2.81
CA MET A 202 -6.34 -0.23 2.28
C MET A 202 -6.95 0.62 1.19
N LEU A 203 -7.63 -0.04 0.26
CA LEU A 203 -8.19 0.60 -0.93
C LEU A 203 -9.27 1.63 -0.57
N ILE A 204 -10.18 1.25 0.32
CA ILE A 204 -11.23 2.15 0.77
C ILE A 204 -10.63 3.33 1.51
N TYR A 205 -9.68 3.03 2.39
CA TYR A 205 -8.87 4.03 3.07
C TYR A 205 -8.30 5.04 2.08
N PHE A 206 -7.64 4.55 1.04
CA PHE A 206 -7.07 5.42 0.01
C PHE A 206 -8.14 6.28 -0.64
N CYS A 207 -9.26 5.64 -1.00
CA CYS A 207 -10.30 6.28 -1.81
C CYS A 207 -11.05 7.38 -1.11
N LYS A 208 -11.40 7.13 0.14
CA LYS A 208 -12.32 8.00 0.87
C LYS A 208 -11.59 8.89 1.84
N GLY A 209 -10.32 8.57 2.08
CA GLY A 209 -9.46 9.42 2.88
C GLY A 209 -9.28 8.98 4.33
N SER A 210 -10.11 8.01 4.75
CA SER A 210 -10.00 7.42 6.08
C SER A 210 -10.92 6.22 6.21
N LEU A 211 -10.80 5.49 7.31
CA LEU A 211 -11.75 4.44 7.63
C LEU A 211 -12.56 4.91 8.82
N PRO A 212 -13.83 4.47 8.90
CA PRO A 212 -14.72 4.99 9.96
C PRO A 212 -14.33 4.58 11.37
N TRP A 213 -13.41 3.64 11.52
CA TRP A 213 -12.98 3.18 12.84
C TRP A 213 -11.59 3.70 13.20
N GLN A 214 -11.21 4.81 12.56
CA GLN A 214 -10.00 5.51 12.94
C GLN A 214 -10.26 6.44 14.12
N GLY A 215 -9.19 6.76 14.85
CA GLY A 215 -9.27 7.79 15.87
C GLY A 215 -9.98 7.40 17.15
N LEU A 216 -10.35 6.13 17.27
CA LEU A 216 -11.00 5.64 18.48
C LEU A 216 -10.01 5.58 19.63
N LYS A 217 -10.46 5.93 20.83
CA LYS A 217 -9.66 5.81 22.03
C LYS A 217 -10.26 4.77 22.97
N ALA A 218 -9.43 4.17 23.81
CA ALA A 218 -9.91 3.21 24.79
C ALA A 218 -9.10 3.28 26.09
N THR A 219 -9.56 2.58 27.12
CA THR A 219 -8.83 2.56 28.37
C THR A 219 -7.75 1.47 28.29
N THR A 220 -8.06 0.40 27.57
CA THR A 220 -7.12 -0.70 27.36
C THR A 220 -6.96 -1.02 25.88
N LYS A 221 -6.05 -1.94 25.60
CA LYS A 221 -5.67 -2.32 24.24
C LYS A 221 -6.73 -3.21 23.59
N LYS A 222 -7.19 -4.21 24.33
CA LYS A 222 -8.23 -5.12 23.87
C LYS A 222 -9.54 -4.37 23.62
N GLN A 223 -9.84 -3.40 24.48
CA GLN A 223 -11.08 -2.62 24.33
C GLN A 223 -11.11 -1.86 23.02
N LYS A 224 -9.99 -1.22 22.66
CA LYS A 224 -9.90 -0.51 21.37
C LYS A 224 -10.09 -1.48 20.21
N TYR A 225 -9.41 -2.61 20.29
CA TYR A 225 -9.57 -3.68 19.32
C TYR A 225 -11.04 -4.06 19.17
N ASP A 226 -11.72 -4.23 20.29
CA ASP A 226 -13.11 -4.64 20.27
C ASP A 226 -14.05 -3.53 19.81
N ARG A 227 -13.65 -2.28 20.07
CA ARG A 227 -14.38 -1.12 19.58
C ARG A 227 -14.33 -1.04 18.07
N ILE A 228 -13.12 -1.23 17.53
CA ILE A 228 -12.88 -1.27 16.10
C ILE A 228 -13.65 -2.43 15.48
N LEU A 229 -13.52 -3.61 16.08
CA LEU A 229 -14.25 -4.78 15.63
C LEU A 229 -15.73 -4.52 15.50
N GLU A 230 -16.31 -3.92 16.54
CA GLU A 230 -17.74 -3.64 16.58
C GLU A 230 -18.15 -2.79 15.38
N LYS A 231 -17.29 -1.85 14.99
CA LYS A 231 -17.58 -1.03 13.83
C LYS A 231 -17.43 -1.83 12.53
N LYS A 232 -16.31 -2.54 12.39
CA LYS A 232 -16.06 -3.38 11.23
C LYS A 232 -17.17 -4.40 11.00
N LEU A 233 -17.77 -4.85 12.10
CA LEU A 233 -18.78 -5.90 12.08
C LEU A 233 -20.19 -5.31 11.96
N CYS A 234 -20.39 -4.11 12.47
CA CYS A 234 -21.75 -3.56 12.51
C CYS A 234 -22.04 -2.57 11.40
N ILE A 235 -21.01 -2.16 10.66
CA ILE A 235 -21.25 -1.31 9.52
C ILE A 235 -21.55 -2.14 8.27
N SER A 236 -22.48 -1.68 7.45
CA SER A 236 -22.79 -2.39 6.22
C SER A 236 -21.69 -2.12 5.22
N VAL A 237 -21.49 -3.04 4.29
CA VAL A 237 -20.48 -2.81 3.27
C VAL A 237 -20.96 -1.67 2.35
N GLU A 238 -22.28 -1.48 2.25
CA GLU A 238 -22.85 -0.34 1.52
C GLU A 238 -22.43 0.97 2.15
N THR A 239 -22.55 1.09 3.48
CA THR A 239 -22.14 2.31 4.17
C THR A 239 -20.64 2.54 4.01
N LEU A 240 -19.88 1.45 4.16
CA LEU A 240 -18.43 1.50 4.14
C LEU A 240 -17.85 1.88 2.77
N CYS A 241 -18.53 1.44 1.71
CA CYS A 241 -18.08 1.70 0.35
C CYS A 241 -18.96 2.72 -0.37
N ALA A 242 -19.66 3.54 0.39
CA ALA A 242 -20.49 4.60 -0.19
C ALA A 242 -19.64 5.56 -1.01
N GLY A 243 -20.14 5.95 -2.18
CA GLY A 243 -19.40 6.83 -3.06
C GLY A 243 -18.39 6.10 -3.93
N LEU A 244 -18.32 4.78 -3.76
CA LEU A 244 -17.38 3.95 -4.53
C LEU A 244 -18.10 3.09 -5.55
N PRO A 245 -17.52 2.93 -6.75
CA PRO A 245 -18.13 2.03 -7.74
C PRO A 245 -18.28 0.63 -7.17
N LEU A 246 -19.19 -0.18 -7.71
CA LEU A 246 -19.61 -1.43 -7.06
C LEU A 246 -18.50 -2.45 -6.89
N GLU A 247 -17.41 -2.24 -7.62
CA GLU A 247 -16.28 -3.15 -7.58
C GLU A 247 -15.65 -3.24 -6.18
N PHE A 248 -15.62 -2.11 -5.46
CA PHE A 248 -15.04 -2.05 -4.13
C PHE A 248 -15.88 -2.78 -3.09
N SER A 249 -17.19 -2.71 -3.26
CA SER A 249 -18.14 -3.43 -2.43
C SER A 249 -18.04 -4.91 -2.77
N GLU A 250 -17.80 -5.20 -4.04
CA GLU A 250 -17.71 -6.59 -4.48
C GLU A 250 -16.47 -7.26 -3.95
N TYR A 251 -15.35 -6.53 -3.98
CA TYR A 251 -14.10 -7.01 -3.44
C TYR A 251 -14.25 -7.39 -1.97
N MET A 252 -14.84 -6.49 -1.19
CA MET A 252 -15.02 -6.71 0.23
C MET A 252 -15.98 -7.86 0.55
N ASN A 253 -17.13 -7.88 -0.11
CA ASN A 253 -18.07 -9.01 0.02
C ASN A 253 -17.38 -10.33 -0.32
N TYR A 254 -16.49 -10.30 -1.32
CA TYR A 254 -15.80 -11.50 -1.75
C TYR A 254 -14.86 -11.98 -0.66
N CYS A 255 -14.08 -11.07 -0.10
CA CYS A 255 -13.10 -11.43 0.92
C CYS A 255 -13.75 -11.90 2.21
N ARG A 256 -14.92 -11.35 2.51
CA ARG A 256 -15.60 -11.70 3.74
C ARG A 256 -16.31 -13.05 3.63
N ASN A 257 -16.55 -13.52 2.42
CA ASN A 257 -17.21 -14.81 2.23
C ASN A 257 -16.25 -15.98 1.96
N LEU A 258 -14.97 -15.68 1.75
CA LEU A 258 -13.95 -16.71 1.63
C LEU A 258 -13.87 -17.60 2.88
N LYS A 259 -13.71 -18.90 2.65
CA LYS A 259 -13.54 -19.83 3.75
C LYS A 259 -12.09 -19.86 4.22
N PHE A 260 -11.88 -20.44 5.41
CA PHE A 260 -10.58 -20.43 6.07
C PHE A 260 -9.45 -20.91 5.16
N ASP A 261 -9.62 -22.07 4.55
CA ASP A 261 -8.58 -22.68 3.74
C ASP A 261 -8.85 -22.58 2.23
N GLU A 262 -9.71 -21.66 1.84
CA GLU A 262 -10.11 -21.53 0.43
C GLU A 262 -9.06 -20.81 -0.42
N ARG A 263 -8.85 -21.29 -1.65
CA ARG A 263 -7.94 -20.60 -2.58
C ARG A 263 -8.63 -19.42 -3.23
N PRO A 264 -8.12 -18.20 -2.96
CA PRO A 264 -8.72 -17.00 -3.55
C PRO A 264 -8.63 -17.00 -5.08
N ASP A 265 -9.66 -16.48 -5.73
CA ASP A 265 -9.67 -16.25 -7.18
C ASP A 265 -9.05 -14.88 -7.45
N TYR A 266 -7.72 -14.82 -7.48
CA TYR A 266 -7.02 -13.55 -7.63
C TYR A 266 -7.32 -12.91 -8.99
N LEU A 267 -7.49 -13.75 -10.01
CA LEU A 267 -7.77 -13.25 -11.35
C LEU A 267 -9.10 -12.49 -11.38
N TYR A 268 -10.09 -13.02 -10.69
CA TYR A 268 -11.39 -12.37 -10.63
C TYR A 268 -11.26 -11.00 -9.96
N LEU A 269 -10.55 -10.94 -8.85
CA LEU A 269 -10.34 -9.68 -8.13
C LEU A 269 -9.60 -8.66 -9.01
N ALA A 270 -8.63 -9.14 -9.77
CA ALA A 270 -7.89 -8.30 -10.70
C ALA A 270 -8.77 -7.81 -11.85
N ARG A 271 -9.71 -8.64 -12.28
CA ARG A 271 -10.62 -8.27 -13.36
C ARG A 271 -11.62 -7.22 -12.90
N LEU A 272 -11.93 -7.20 -11.61
CA LEU A 272 -12.77 -6.16 -11.04
C LEU A 272 -12.26 -4.77 -11.37
N PHE A 273 -10.99 -4.54 -11.04
CA PHE A 273 -10.39 -3.22 -11.20
C PHE A 273 -9.93 -2.97 -12.63
N LYS A 274 -9.51 -4.03 -13.31
CA LYS A 274 -9.09 -3.89 -14.70
C LYS A 274 -10.30 -3.51 -15.57
N ASP A 275 -11.39 -4.27 -15.46
CA ASP A 275 -12.62 -3.97 -16.19
C ASP A 275 -13.14 -2.58 -15.84
N LEU A 276 -12.95 -2.18 -14.59
CA LEU A 276 -13.35 -0.85 -14.13
C LEU A 276 -12.51 0.25 -14.79
N SER A 277 -11.21 0.03 -14.89
CA SER A 277 -10.32 1.01 -15.48
C SER A 277 -10.70 1.28 -16.94
N ILE A 278 -10.99 0.20 -17.67
CA ILE A 278 -11.43 0.28 -19.07
C ILE A 278 -12.71 1.09 -19.20
N LYS A 279 -13.65 0.84 -18.28
CA LYS A 279 -14.92 1.57 -18.22
C LYS A 279 -14.72 3.04 -17.85
N LEU A 280 -13.70 3.31 -17.04
CA LEU A 280 -13.41 4.69 -16.66
C LEU A 280 -12.36 5.31 -17.57
N GLU A 281 -11.98 4.56 -18.61
CA GLU A 281 -11.07 5.05 -19.64
C GLU A 281 -9.71 5.44 -19.08
N TYR A 282 -9.21 4.61 -18.18
CA TYR A 282 -7.89 4.81 -17.60
C TYR A 282 -6.87 3.93 -18.32
N HIS A 283 -5.71 4.49 -18.65
CA HIS A 283 -4.62 3.69 -19.20
C HIS A 283 -3.68 3.28 -18.08
N ASN A 284 -3.23 2.04 -18.11
CA ASN A 284 -2.31 1.57 -17.08
C ASN A 284 -0.91 2.10 -17.41
N ASP A 285 -0.78 3.42 -17.39
CA ASP A 285 0.44 4.10 -17.82
C ASP A 285 1.38 4.45 -16.68
N HIS A 286 1.09 3.93 -15.49
CA HIS A 286 1.92 4.16 -14.30
C HIS A 286 2.13 5.65 -14.03
N LEU A 287 1.11 6.43 -14.36
CA LEU A 287 1.09 7.85 -14.06
C LEU A 287 0.24 8.04 -12.82
N PHE A 288 0.88 8.03 -11.66
CA PHE A 288 0.17 8.15 -10.40
C PHE A 288 -0.18 9.60 -10.08
N ASP A 289 -0.99 9.79 -9.03
CA ASP A 289 -1.37 11.12 -8.58
C ASP A 289 -0.17 11.97 -8.27
N TRP A 290 0.75 11.41 -7.50
CA TRP A 290 1.90 12.16 -7.02
C TRP A 290 2.82 12.49 -8.17
N THR A 291 2.82 11.62 -9.18
CA THR A 291 3.62 11.86 -10.37
C THR A 291 3.17 13.16 -11.03
N MET A 292 1.86 13.30 -11.20
CA MET A 292 1.30 14.45 -11.90
C MET A 292 1.30 15.72 -11.04
N LEU A 293 1.01 15.57 -9.75
CA LEU A 293 1.08 16.70 -8.82
C LEU A 293 2.50 17.27 -8.74
N ARG A 294 3.48 16.38 -8.62
CA ARG A 294 4.89 16.76 -8.56
C ARG A 294 5.28 17.51 -9.83
N TYR A 295 4.83 17.00 -10.98
CA TYR A 295 5.15 17.61 -12.27
C TYR A 295 4.53 18.99 -12.38
N THR A 296 3.29 19.13 -11.91
CA THR A 296 2.58 20.40 -12.02
C THR A 296 3.24 21.46 -11.12
N LYS A 297 3.61 21.08 -9.90
CA LYS A 297 4.32 21.99 -9.01
C LYS A 297 5.66 22.39 -9.62
N ALA A 298 6.30 21.45 -10.31
CA ALA A 298 7.59 21.71 -10.95
C ALA A 298 7.47 22.79 -12.03
N MET A 299 6.36 22.76 -12.76
CA MET A 299 6.14 23.72 -13.84
C MET A 299 5.69 25.08 -13.33
N VAL A 300 5.08 25.08 -12.16
CA VAL A 300 4.60 26.32 -11.55
C VAL A 300 5.77 27.15 -11.01
N GLU A 301 6.64 26.49 -10.26
CA GLU A 301 7.79 27.17 -9.66
C GLU A 301 8.85 27.47 -10.72
N VAL A 306 5.17 31.24 -10.73
CA VAL A 306 3.96 32.01 -10.45
C VAL A 306 3.63 31.94 -8.96
N LEU A 307 4.67 31.93 -8.14
CA LEU A 307 4.54 31.84 -6.68
C LEU A 307 3.78 33.02 -6.07
N MET A 308 4.04 34.22 -6.60
CA MET A 308 3.40 35.43 -6.08
C MET A 308 1.89 35.37 -6.27
N LEU A 309 1.46 34.73 -7.35
CA LEU A 309 0.04 34.54 -7.60
C LEU A 309 -0.48 33.28 -6.92
N ASP A 310 0.41 32.33 -6.63
CA ASP A 310 0.02 31.10 -5.94
C ASP A 310 -0.43 31.42 -4.52
N THR A 311 0.03 32.55 -4.00
CA THR A 311 -0.41 33.04 -2.69
C THR A 311 -1.76 33.75 -2.77
N SER A 312 -2.09 34.29 -3.95
CA SER A 312 -3.38 34.98 -4.15
C SER A 312 -4.13 34.43 -5.36
N ASN A 339 -0.84 25.00 2.78
CA ASN A 339 -1.76 24.09 2.12
C ASN A 339 -2.51 24.74 0.96
N ASP A 340 -2.71 26.05 1.05
CA ASP A 340 -3.41 26.80 0.00
C ASP A 340 -2.70 26.68 -1.34
N SER A 341 -1.36 26.69 -1.31
CA SER A 341 -0.56 26.55 -2.52
C SER A 341 -0.78 25.18 -3.14
N PHE A 342 -0.82 24.15 -2.29
CA PHE A 342 -1.08 22.80 -2.76
C PHE A 342 -2.43 22.69 -3.45
N ASN A 343 -3.48 23.20 -2.81
CA ASN A 343 -4.83 23.15 -3.34
C ASN A 343 -4.93 23.74 -4.73
N LYS A 344 -4.14 24.78 -4.96
CA LYS A 344 -4.09 25.44 -6.25
C LYS A 344 -3.28 24.61 -7.24
N VAL A 345 -2.13 24.10 -6.79
CA VAL A 345 -1.31 23.21 -7.62
C VAL A 345 -2.14 21.96 -7.95
N LYS A 346 -2.97 21.53 -7.01
CA LYS A 346 -3.84 20.39 -7.26
C LYS A 346 -4.89 20.75 -8.30
N LEU A 347 -5.32 22.01 -8.31
CA LEU A 347 -6.28 22.48 -9.29
C LEU A 347 -5.69 22.55 -10.70
N LEU A 348 -4.43 22.95 -10.77
CA LEU A 348 -3.75 23.08 -12.04
C LEU A 348 -3.47 21.71 -12.63
N ALA A 349 -3.24 20.74 -11.74
CA ALA A 349 -3.04 19.37 -12.17
C ALA A 349 -4.35 18.78 -12.69
N MET A 350 -5.43 18.97 -11.93
CA MET A 350 -6.76 18.47 -12.30
C MET A 350 -7.27 19.11 -13.60
N LYS A 351 -6.68 20.25 -13.96
CA LYS A 351 -7.02 20.94 -15.21
C LYS A 351 -6.21 20.38 -16.39
N LYS A 352 -4.90 20.26 -16.19
CA LYS A 352 -3.96 19.67 -17.15
C LYS A 352 -4.38 18.24 -17.47
N PHE A 353 -4.68 17.47 -16.43
CA PHE A 353 -4.95 16.04 -16.56
C PHE A 353 -6.36 15.69 -16.10
N ALA A 354 -7.36 16.31 -16.75
CA ALA A 354 -8.75 16.19 -16.33
C ALA A 354 -9.26 14.76 -16.29
N SER A 355 -8.81 13.95 -17.25
CA SER A 355 -9.29 12.60 -17.41
C SER A 355 -8.75 11.63 -16.36
N HIS A 356 -7.64 12.00 -15.71
CA HIS A 356 -7.00 11.12 -14.74
C HIS A 356 -7.53 11.28 -13.32
N PHE A 357 -7.97 12.50 -12.99
CA PHE A 357 -8.30 12.86 -11.61
C PHE A 357 -9.79 12.81 -11.27
N HIS A 358 -10.29 11.61 -11.03
CA HIS A 358 -11.64 11.43 -10.50
C HIS A 358 -11.56 10.99 -9.05
N TYR A 359 -12.33 11.64 -8.19
CA TYR A 359 -12.31 11.34 -6.78
C TYR A 359 -13.66 10.86 -6.27
N CYS A 360 -13.64 10.15 -5.16
CA CYS A 360 -14.84 9.73 -4.47
C CYS A 360 -15.46 10.91 -3.71
N LYS A 361 -16.77 11.08 -3.84
CA LYS A 361 -17.49 12.08 -3.05
C LYS A 361 -18.14 11.42 -1.84
N ASN A 362 -17.72 11.83 -0.64
CA ASN A 362 -18.17 11.20 0.59
C ASN A 362 -19.63 11.51 0.95
N ASP A 363 -20.17 12.56 0.34
CA ASP A 363 -21.57 12.92 0.54
C ASP A 363 -22.49 11.95 -0.19
N ASP A 364 -21.95 11.26 -1.19
CA ASP A 364 -22.67 10.22 -1.91
C ASP A 364 -23.15 9.12 -0.97
N LYS A 365 -24.38 8.65 -1.19
CA LYS A 365 -24.90 7.51 -0.46
C LYS A 365 -24.87 6.24 -1.33
N HIS A 366 -24.83 6.45 -2.65
CA HIS A 366 -24.89 5.34 -3.59
C HIS A 366 -23.52 4.98 -4.21
N TYR A 367 -23.50 3.91 -4.98
CA TYR A 367 -22.34 3.59 -5.80
C TYR A 367 -22.51 4.32 -7.13
N PRO A 368 -21.52 5.12 -7.54
CA PRO A 368 -21.56 5.79 -8.85
C PRO A 368 -21.36 4.82 -10.02
N THR A 369 -21.93 5.15 -11.17
CA THR A 369 -21.65 4.39 -12.38
C THR A 369 -20.41 5.00 -13.01
N PRO A 370 -19.75 4.25 -13.93
CA PRO A 370 -18.61 4.80 -14.65
C PRO A 370 -18.90 6.15 -15.33
N GLU A 371 -20.12 6.33 -15.84
CA GLU A 371 -20.47 7.56 -16.53
C GLU A 371 -20.61 8.73 -15.55
N GLU A 372 -21.21 8.46 -14.38
CA GLU A 372 -21.33 9.46 -13.33
C GLU A 372 -19.97 9.96 -12.89
N ILE A 373 -19.03 9.02 -12.79
CA ILE A 373 -17.67 9.32 -12.35
C ILE A 373 -16.94 10.18 -13.37
N LYS A 374 -17.08 9.79 -14.64
CA LYS A 374 -16.36 10.43 -15.74
C LYS A 374 -16.83 11.86 -16.04
N GLN A 375 -18.01 12.22 -15.53
CA GLN A 375 -18.49 13.59 -15.62
C GLN A 375 -17.53 14.55 -14.94
N GLN A 376 -16.74 14.03 -14.01
CA GLN A 376 -15.73 14.83 -13.32
C GLN A 376 -14.64 15.30 -14.28
N THR A 377 -14.50 14.63 -15.42
CA THR A 377 -13.52 15.07 -16.40
C THR A 377 -13.91 16.44 -16.96
N VAL A 378 -15.20 16.60 -17.24
CA VAL A 378 -15.72 17.88 -17.75
C VAL A 378 -15.57 18.98 -16.70
N GLN A 379 -15.92 18.65 -15.46
CA GLN A 379 -15.85 19.61 -14.37
C GLN A 379 -14.39 19.94 -14.00
N ASN A 380 -13.48 19.02 -14.30
CA ASN A 380 -12.05 19.24 -14.06
C ASN A 380 -11.48 20.26 -15.04
N ASN A 381 -11.96 20.22 -16.26
CA ASN A 381 -11.55 21.17 -17.29
C ASN A 381 -12.26 22.51 -17.11
N ASN A 382 -13.24 22.55 -16.19
CA ASN A 382 -13.99 23.76 -15.87
C ASN A 382 -13.43 24.49 -14.66
N ALA A 383 -12.30 24.00 -14.13
CA ALA A 383 -11.63 24.62 -12.99
C ALA A 383 -11.06 25.98 -13.38
N ALA A 384 -11.64 27.05 -12.82
CA ALA A 384 -11.23 28.40 -13.18
C ALA A 384 -9.89 28.76 -12.56
N PRO A 388 -7.34 32.52 -11.25
CA PRO A 388 -6.18 33.30 -11.69
C PRO A 388 -5.69 32.89 -13.07
N PRO A 389 -5.94 33.75 -14.09
CA PRO A 389 -5.63 33.46 -15.49
C PRO A 389 -4.14 33.26 -15.78
N GLU A 390 -3.25 33.87 -14.99
CA GLU A 390 -1.82 33.65 -15.21
C GLU A 390 -1.46 32.23 -14.83
N LEU A 391 -2.02 31.76 -13.71
CA LEU A 391 -1.89 30.35 -13.32
C LEU A 391 -2.39 29.46 -14.46
N LEU A 392 -3.62 29.68 -14.90
CA LEU A 392 -4.21 28.89 -15.99
C LEU A 392 -3.36 28.91 -17.27
N SER A 393 -2.73 30.03 -17.56
CA SER A 393 -1.91 30.15 -18.78
C SER A 393 -0.61 29.39 -18.65
N ALA A 394 0.02 29.49 -17.47
CA ALA A 394 1.25 28.76 -17.16
C ALA A 394 1.06 27.25 -17.28
N ILE A 395 -0.12 26.79 -16.85
CA ILE A 395 -0.58 25.42 -17.09
C ILE A 395 -0.45 25.09 -18.59
N ASP A 396 -1.28 25.76 -19.40
CA ASP A 396 -1.28 25.56 -20.85
C ASP A 396 0.14 25.55 -21.43
N LYS A 397 1.01 26.41 -20.90
CA LYS A 397 2.42 26.43 -21.28
C LYS A 397 3.16 25.26 -20.65
P PO4 B . 11.90 -20.46 11.66
O1 PO4 B . 10.41 -20.24 11.58
O2 PO4 B . 12.58 -19.19 12.13
O3 PO4 B . 12.20 -21.57 12.64
O4 PO4 B . 12.41 -20.84 10.29
P PO4 C . 5.84 -20.92 10.41
O1 PO4 C . 5.45 -19.89 9.37
O2 PO4 C . 5.88 -20.27 11.77
O3 PO4 C . 4.81 -22.02 10.44
O4 PO4 C . 7.20 -21.48 10.06
P PO4 D . 1.47 -17.09 15.74
O1 PO4 D . 1.10 -15.66 16.08
O2 PO4 D . 0.41 -17.71 14.86
O3 PO4 D . 1.58 -17.88 17.03
O4 PO4 D . 2.80 -17.12 15.02
P PO4 E . -5.87 4.37 14.54
O1 PO4 E . -6.39 5.00 15.80
O2 PO4 E . -6.13 5.28 13.37
O3 PO4 E . -6.58 3.05 14.33
O4 PO4 E . -4.39 4.13 14.69
P PO4 F . -4.47 -24.59 -2.26
O1 PO4 F . -5.95 -24.46 -1.94
O2 PO4 F . -4.04 -23.46 -3.17
O3 PO4 F . -4.23 -25.92 -2.94
O4 PO4 F . -3.69 -24.52 -0.98
P PO4 G . 11.59 -7.22 -10.82
O1 PO4 G . 10.48 -6.66 -11.69
O2 PO4 G . 11.40 -6.75 -9.39
O3 PO4 G . 11.54 -8.74 -10.87
O4 PO4 G . 12.93 -6.76 -11.34
P PO4 H . 11.49 -19.91 6.17
O1 PO4 H . 10.77 -18.58 5.83
O2 PO4 H . 12.70 -19.61 7.08
O3 PO4 H . 10.52 -20.87 6.91
O4 PO4 H . 11.96 -20.54 4.87
#